data_7SNU
#
_entry.id   7SNU
#
_cell.length_a   96.216
_cell.length_b   96.216
_cell.length_c   69.358
_cell.angle_alpha   90.000
_cell.angle_beta   90.000
_cell.angle_gamma   120.000
#
_symmetry.space_group_name_H-M   'P 65'
#
loop_
_entity.id
_entity.type
_entity.pdbx_description
1 polymer 'Hyposensitive to light 7'
2 non-polymer GLYCEROL
3 non-polymer 'ACETATE ION'
4 non-polymer 'MAGNESIUM ION'
5 non-polymer IMIDAZOLE
6 non-polymer 2-{(2S)-1-[(4-ethoxyphenyl)methyl]-4-[(2E)-3-(4-methoxyphenyl)prop-2-en-1-yl]piperazin-2-yl}ethan-1-ol
7 water water
#
_entity_poly.entity_id   1
_entity_poly.type   'polypeptide(L)'
_entity_poly.pdbx_seq_one_letter_code
;GMSSIGLAHNVTILGSGETTVVLGHGYGTDQSVWKLLVPYLVDDYKVLLYDHMGAGTTNPDYFDFDRYSSLEGYSYDLIA
ILEEFQVSKCIYVGHSMSSMAAAVASIFRPDLFHKLVMISPTPRLINTEEYYGGFEQKVMDETLRSLDENFKSLSLGTAP
LLLACDLESAAMQEYCRTLFNMRPDIACCITRMICGLDLRPYLGHVTVPCHIIQSSNDIMVPVAVGEYLRKNLGGPSVVE
VMPTEGHLPHLSMPEVTIPVVLRHIRQDITDH
;
_entity_poly.pdbx_strand_id   A
#
# COMPACT_ATOMS: atom_id res chain seq x y z
N GLY A 1 -18.32 -7.09 18.96
CA GLY A 1 -17.76 -5.76 19.12
C GLY A 1 -16.26 -5.78 19.33
N MET A 2 -15.55 -4.94 18.57
CA MET A 2 -14.10 -4.88 18.68
C MET A 2 -13.70 -4.34 20.05
N SER A 3 -12.89 -5.10 20.77
CA SER A 3 -12.42 -4.70 22.09
C SER A 3 -10.99 -4.18 22.10
N SER A 4 -10.17 -4.56 21.12
CA SER A 4 -8.77 -4.18 21.12
C SER A 4 -8.34 -3.85 19.70
N ILE A 5 -7.97 -2.59 19.47
CA ILE A 5 -7.41 -2.16 18.18
C ILE A 5 -6.19 -3.00 17.83
N GLY A 6 -5.30 -3.22 18.79
CA GLY A 6 -4.07 -3.96 18.53
C GLY A 6 -4.33 -5.39 18.10
N LEU A 7 -5.24 -6.08 18.79
CA LEU A 7 -5.54 -7.45 18.40
C LEU A 7 -6.31 -7.51 17.09
N ALA A 8 -7.22 -6.55 16.87
CA ALA A 8 -8.05 -6.58 15.66
C ALA A 8 -7.23 -6.40 14.39
N HIS A 9 -6.14 -5.63 14.47
CA HIS A 9 -5.24 -5.40 13.35
C HIS A 9 -3.96 -6.22 13.44
N ASN A 10 -3.90 -7.21 14.33
CA ASN A 10 -2.74 -8.09 14.43
C ASN A 10 -1.44 -7.31 14.57
N VAL A 11 -1.46 -6.25 15.38
CA VAL A 11 -0.30 -5.38 15.49
C VAL A 11 0.88 -6.14 16.11
N THR A 12 2.05 -5.96 15.50
CA THR A 12 3.30 -6.54 15.97
C THR A 12 4.30 -5.42 16.22
N ILE A 13 5.02 -5.50 17.34
CA ILE A 13 6.07 -4.53 17.66
C ILE A 13 7.39 -5.27 17.81
N LEU A 14 8.43 -4.77 17.16
CA LEU A 14 9.80 -5.26 17.35
C LEU A 14 10.75 -4.08 17.40
N GLY A 15 11.98 -4.34 17.83
CA GLY A 15 13.04 -3.36 17.70
C GLY A 15 12.97 -2.28 18.76
N SER A 16 13.89 -1.33 18.64
CA SER A 16 13.94 -0.22 19.59
C SER A 16 14.68 0.94 18.94
N GLY A 17 14.34 2.14 19.39
CA GLY A 17 14.97 3.33 18.88
C GLY A 17 14.09 4.53 19.10
N GLU A 18 14.65 5.71 18.85
CA GLU A 18 13.90 6.93 19.05
C GLU A 18 12.80 7.13 18.02
N THR A 19 12.91 6.50 16.85
CA THR A 19 11.94 6.64 15.77
C THR A 19 11.32 5.28 15.48
N THR A 20 10.03 5.29 15.17
CA THR A 20 9.28 4.09 14.81
C THR A 20 9.04 4.07 13.30
N VAL A 21 9.36 2.92 12.68
CA VAL A 21 8.99 2.63 11.31
C VAL A 21 7.70 1.83 11.35
N VAL A 22 6.68 2.31 10.63
CA VAL A 22 5.39 1.64 10.56
C VAL A 22 5.24 1.05 9.16
N LEU A 23 4.92 -0.25 9.08
CA LEU A 23 4.85 -0.95 7.80
C LEU A 23 3.41 -1.30 7.45
N GLY A 24 2.97 -0.86 6.27
CA GLY A 24 1.64 -1.16 5.75
C GLY A 24 1.72 -2.01 4.48
N HIS A 25 0.94 -3.09 4.44
CA HIS A 25 1.20 -4.17 3.48
C HIS A 25 0.61 -3.98 2.08
N GLY A 26 -0.48 -3.25 1.89
CA GLY A 26 -1.05 -3.13 0.56
C GLY A 26 -2.07 -4.20 0.23
N TYR A 27 -2.72 -4.01 -0.93
CA TYR A 27 -3.82 -4.88 -1.32
C TYR A 27 -3.39 -6.32 -1.50
N GLY A 28 -4.19 -7.24 -0.95
CA GLY A 28 -4.02 -8.65 -1.24
C GLY A 28 -2.99 -9.39 -0.43
N THR A 29 -2.26 -8.71 0.45
CA THR A 29 -1.22 -9.30 1.28
C THR A 29 -1.57 -9.07 2.76
N ASP A 30 -0.63 -9.43 3.62
CA ASP A 30 -0.70 -9.06 5.04
C ASP A 30 0.72 -8.69 5.48
N GLN A 31 0.90 -8.40 6.78
CA GLN A 31 2.18 -7.88 7.24
C GLN A 31 3.33 -8.87 7.04
N SER A 32 3.03 -10.14 6.79
CA SER A 32 4.09 -11.10 6.48
C SER A 32 4.88 -10.73 5.24
N VAL A 33 4.35 -9.85 4.38
CA VAL A 33 5.05 -9.53 3.15
C VAL A 33 6.36 -8.80 3.47
N TRP A 34 6.50 -8.26 4.68
CA TRP A 34 7.64 -7.46 5.10
CA TRP A 34 7.67 -7.47 5.03
C TRP A 34 8.74 -8.28 5.75
N LYS A 35 8.63 -9.61 5.74
CA LYS A 35 9.50 -10.43 6.58
C LYS A 35 10.99 -10.24 6.29
N LEU A 36 11.37 -9.96 5.05
CA LEU A 36 12.80 -9.84 4.75
C LEU A 36 13.34 -8.44 5.05
N LEU A 37 12.47 -7.43 5.14
CA LEU A 37 12.92 -6.08 5.45
C LEU A 37 13.18 -5.89 6.94
N VAL A 38 12.32 -6.46 7.78
CA VAL A 38 12.32 -6.19 9.22
C VAL A 38 13.67 -6.40 9.90
N PRO A 39 14.40 -7.50 9.62
CA PRO A 39 15.67 -7.70 10.34
C PRO A 39 16.67 -6.57 10.15
N TYR A 40 16.58 -5.82 9.06
CA TYR A 40 17.52 -4.73 8.80
C TYR A 40 17.15 -3.46 9.56
N LEU A 41 15.96 -3.42 10.17
CA LEU A 41 15.46 -2.23 10.85
C LEU A 41 15.60 -2.29 12.37
N VAL A 42 15.57 -3.48 12.97
CA VAL A 42 15.30 -3.57 14.40
C VAL A 42 16.41 -2.99 15.27
N ASP A 43 17.65 -2.99 14.78
CA ASP A 43 18.74 -2.44 15.60
C ASP A 43 18.67 -0.93 15.72
N ASP A 44 18.02 -0.27 14.76
CA ASP A 44 18.00 1.18 14.72
C ASP A 44 16.65 1.78 15.01
N TYR A 45 15.57 1.03 14.85
CA TYR A 45 14.22 1.60 14.90
C TYR A 45 13.31 0.64 15.66
N LYS A 46 12.34 1.22 16.37
CA LYS A 46 11.16 0.45 16.71
C LYS A 46 10.37 0.20 15.44
N VAL A 47 9.78 -0.98 15.31
CA VAL A 47 9.01 -1.35 14.12
C VAL A 47 7.60 -1.75 14.55
N LEU A 48 6.60 -1.16 13.90
CA LEU A 48 5.21 -1.54 14.12
C LEU A 48 4.64 -2.03 12.80
N LEU A 49 4.11 -3.24 12.79
CA LEU A 49 3.42 -3.78 11.62
C LEU A 49 1.95 -3.98 11.97
N TYR A 50 1.07 -3.78 10.98
CA TYR A 50 -0.35 -4.02 11.20
C TYR A 50 -0.97 -4.57 9.92
N ASP A 51 -2.10 -5.25 10.07
CA ASP A 51 -2.91 -5.68 8.94
C ASP A 51 -4.09 -4.75 8.78
N HIS A 52 -4.38 -4.33 7.55
CA HIS A 52 -5.57 -3.50 7.36
C HIS A 52 -6.83 -4.35 7.43
N MET A 53 -7.95 -3.71 7.81
CA MET A 53 -9.18 -4.46 8.03
C MET A 53 -9.63 -5.08 6.71
N GLY A 54 -9.99 -6.35 6.75
CA GLY A 54 -10.39 -7.07 5.56
C GLY A 54 -9.32 -7.99 5.02
N ALA A 55 -8.07 -7.84 5.45
CA ALA A 55 -7.08 -8.86 5.15
C ALA A 55 -7.56 -10.20 5.71
N GLY A 56 -7.16 -11.28 5.06
CA GLY A 56 -7.65 -12.60 5.46
C GLY A 56 -7.32 -12.99 6.90
N THR A 57 -6.30 -12.38 7.49
CA THR A 57 -5.91 -12.59 8.88
C THR A 57 -6.78 -11.83 9.88
N THR A 58 -7.73 -11.02 9.42
CA THR A 58 -8.58 -10.21 10.29
C THR A 58 -9.98 -10.80 10.36
N ASN A 59 -10.70 -10.39 11.39
CA ASN A 59 -12.02 -10.95 11.67
C ASN A 59 -13.03 -10.31 10.73
N PRO A 60 -13.70 -11.08 9.88
CA PRO A 60 -14.64 -10.47 8.92
C PRO A 60 -15.81 -9.75 9.58
N ASP A 61 -16.13 -10.08 10.83
CA ASP A 61 -17.20 -9.36 11.50
C ASP A 61 -16.87 -7.90 11.76
N TYR A 62 -15.59 -7.53 11.68
CA TYR A 62 -15.20 -6.13 11.87
C TYR A 62 -15.11 -5.37 10.56
N PHE A 63 -15.37 -6.01 9.43
CA PHE A 63 -15.30 -5.32 8.16
C PHE A 63 -16.61 -4.58 7.91
N ASP A 64 -16.56 -3.26 7.95
CA ASP A 64 -17.71 -2.39 7.73
C ASP A 64 -17.72 -2.04 6.24
N PHE A 65 -18.70 -2.58 5.51
CA PHE A 65 -18.73 -2.37 4.06
C PHE A 65 -18.95 -0.92 3.69
N ASP A 66 -19.55 -0.12 4.57
CA ASP A 66 -19.69 1.31 4.29
C ASP A 66 -18.38 2.04 4.47
N ARG A 67 -17.70 1.83 5.60
CA ARG A 67 -16.47 2.56 5.88
C ARG A 67 -15.35 2.19 4.91
N TYR A 68 -15.26 0.94 4.50
CA TYR A 68 -14.14 0.51 3.67
C TYR A 68 -14.43 0.60 2.17
N SER A 69 -15.59 1.16 1.82
CA SER A 69 -15.87 1.46 0.43
C SER A 69 -15.27 2.79 -0.02
N SER A 70 -14.54 3.47 0.86
N SER A 70 -14.54 3.48 0.85
CA SER A 70 -13.74 4.65 0.55
CA SER A 70 -13.72 4.61 0.45
C SER A 70 -12.40 4.49 1.24
C SER A 70 -12.43 4.58 1.25
N LEU A 71 -11.34 5.08 0.66
CA LEU A 71 -10.01 4.88 1.23
C LEU A 71 -9.87 5.54 2.60
N GLU A 72 -10.56 6.66 2.83
CA GLU A 72 -10.37 7.36 4.11
C GLU A 72 -10.78 6.51 5.31
N GLY A 73 -11.67 5.53 5.14
CA GLY A 73 -11.92 4.60 6.23
C GLY A 73 -10.64 3.96 6.73
N TYR A 74 -9.76 3.56 5.81
CA TYR A 74 -8.47 3.00 6.19
C TYR A 74 -7.56 4.06 6.81
N SER A 75 -7.58 5.27 6.26
CA SER A 75 -6.79 6.35 6.84
C SER A 75 -7.16 6.61 8.30
N TYR A 76 -8.46 6.64 8.61
CA TYR A 76 -8.87 6.91 9.98
C TYR A 76 -8.52 5.73 10.90
N ASP A 77 -8.62 4.49 10.39
CA ASP A 77 -8.17 3.34 11.16
C ASP A 77 -6.69 3.47 11.49
N LEU A 78 -5.89 3.90 10.50
CA LEU A 78 -4.45 4.00 10.70
C LEU A 78 -4.14 5.01 11.80
N ILE A 79 -4.83 6.15 11.79
CA ILE A 79 -4.64 7.11 12.88
C ILE A 79 -4.93 6.46 14.23
N ALA A 80 -6.02 5.70 14.32
CA ALA A 80 -6.37 5.05 15.58
C ALA A 80 -5.30 4.06 16.03
N ILE A 81 -4.72 3.32 15.08
CA ILE A 81 -3.66 2.37 15.43
C ILE A 81 -2.45 3.12 15.99
N LEU A 82 -2.01 4.16 15.30
CA LEU A 82 -0.85 4.93 15.76
C LEU A 82 -1.10 5.51 17.14
N GLU A 83 -2.30 6.06 17.35
CA GLU A 83 -2.61 6.65 18.65
C GLU A 83 -2.65 5.60 19.76
N GLU A 84 -3.22 4.42 19.47
CA GLU A 84 -3.28 3.33 20.45
C GLU A 84 -1.89 2.91 20.92
N PHE A 85 -0.90 2.97 20.03
CA PHE A 85 0.46 2.58 20.34
C PHE A 85 1.35 3.77 20.65
N GLN A 86 0.77 4.97 20.77
CA GLN A 86 1.51 6.18 21.15
C GLN A 86 2.67 6.47 20.20
N VAL A 87 2.43 6.24 18.92
CA VAL A 87 3.41 6.49 17.88
C VAL A 87 3.17 7.88 17.32
N SER A 88 4.25 8.63 17.16
CA SER A 88 4.18 9.91 16.46
C SER A 88 5.48 10.10 15.68
N LYS A 89 5.44 11.04 14.73
CA LYS A 89 6.58 11.31 13.85
C LYS A 89 7.18 10.01 13.31
N CYS A 90 6.32 9.13 12.80
CA CYS A 90 6.82 7.84 12.35
C CYS A 90 7.36 7.93 10.92
N ILE A 91 8.13 6.90 10.55
CA ILE A 91 8.52 6.70 9.16
C ILE A 91 7.57 5.64 8.64
N TYR A 92 6.60 6.03 7.80
CA TYR A 92 5.60 5.10 7.32
C TYR A 92 6.06 4.54 5.99
N VAL A 93 6.17 3.21 5.90
CA VAL A 93 6.56 2.51 4.68
C VAL A 93 5.38 1.66 4.24
N GLY A 94 4.84 1.93 3.06
CA GLY A 94 3.67 1.18 2.61
C GLY A 94 3.73 0.81 1.15
N HIS A 95 3.12 -0.32 0.84
CA HIS A 95 2.90 -0.70 -0.55
C HIS A 95 1.60 -0.08 -1.05
N SER A 96 1.71 0.60 -2.18
CA SER A 96 0.70 1.25 -3.00
C SER A 96 -0.55 1.69 -2.22
N MET A 97 -1.63 0.87 -2.14
CA MET A 97 -2.85 1.24 -1.40
C MET A 97 -2.58 1.76 0.00
N SER A 98 -1.68 1.10 0.73
N SER A 98 -1.68 1.10 0.73
CA SER A 98 -1.39 1.51 2.10
CA SER A 98 -1.40 1.51 2.11
C SER A 98 -0.66 2.84 2.13
C SER A 98 -0.66 2.83 2.14
N SER A 99 0.26 3.05 1.18
CA SER A 99 0.97 4.33 1.16
C SER A 99 0.03 5.48 0.88
N MET A 100 -1.00 5.26 0.05
CA MET A 100 -1.95 6.32 -0.24
C MET A 100 -2.89 6.55 0.95
N ALA A 101 -3.27 5.49 1.66
CA ALA A 101 -4.04 5.65 2.89
C ALA A 101 -3.26 6.46 3.91
N ALA A 102 -1.94 6.23 3.99
CA ALA A 102 -1.12 7.03 4.91
C ALA A 102 -0.99 8.47 4.45
N ALA A 103 -0.85 8.70 3.15
CA ALA A 103 -0.81 10.07 2.64
C ALA A 103 -2.06 10.84 3.05
N VAL A 104 -3.24 10.23 2.89
CA VAL A 104 -4.48 10.88 3.31
C VAL A 104 -4.49 11.07 4.83
N ALA A 105 -4.08 10.05 5.58
CA ALA A 105 -4.03 10.18 7.04
C ALA A 105 -3.14 11.35 7.44
N SER A 106 -2.04 11.57 6.71
CA SER A 106 -1.06 12.60 7.07
C SER A 106 -1.61 14.01 6.87
N ILE A 107 -2.66 14.18 6.06
CA ILE A 107 -3.31 15.48 5.94
C ILE A 107 -4.03 15.81 7.24
N PHE A 108 -4.71 14.81 7.82
CA PHE A 108 -5.49 15.03 9.04
C PHE A 108 -4.59 15.06 10.27
N ARG A 109 -3.49 14.30 10.26
CA ARG A 109 -2.61 14.19 11.42
C ARG A 109 -1.16 14.21 10.95
N PRO A 110 -0.69 15.36 10.44
CA PRO A 110 0.71 15.45 10.00
C PRO A 110 1.69 15.20 11.12
N ASP A 111 1.28 15.45 12.36
CA ASP A 111 2.17 15.22 13.51
C ASP A 111 2.52 13.75 13.69
N LEU A 112 1.73 12.84 13.14
CA LEU A 112 2.02 11.44 13.31
C LEU A 112 3.03 10.89 12.32
N PHE A 113 3.47 11.68 11.34
CA PHE A 113 4.30 11.20 10.24
C PHE A 113 5.52 12.10 10.04
N HIS A 114 6.70 11.52 10.19
CA HIS A 114 7.94 12.21 9.81
C HIS A 114 8.15 12.16 8.30
N LYS A 115 7.87 11.02 7.68
CA LYS A 115 7.93 10.90 6.24
C LYS A 115 7.19 9.65 5.80
N LEU A 116 6.88 9.61 4.51
CA LEU A 116 6.25 8.45 3.89
C LEU A 116 7.21 7.86 2.88
N VAL A 117 7.34 6.54 2.90
CA VAL A 117 8.09 5.80 1.90
C VAL A 117 7.07 4.95 1.18
N MET A 118 6.91 5.19 -0.11
CA MET A 118 5.78 4.67 -0.88
C MET A 118 6.24 3.78 -2.00
N ILE A 119 5.87 2.50 -1.94
CA ILE A 119 6.20 1.54 -2.99
C ILE A 119 5.04 1.40 -3.97
N SER A 120 5.30 1.82 -5.21
CA SER A 120 4.37 1.68 -6.33
C SER A 120 3.07 2.47 -6.11
N PRO A 121 3.10 3.71 -5.60
CA PRO A 121 1.84 4.44 -5.39
C PRO A 121 1.25 4.96 -6.69
N THR A 122 -0.08 5.09 -6.70
CA THR A 122 -0.80 5.81 -7.75
C THR A 122 -2.00 6.51 -7.14
N PRO A 123 -2.29 7.75 -7.53
CA PRO A 123 -3.47 8.44 -6.98
C PRO A 123 -4.75 8.10 -7.71
N ARG A 124 -4.68 7.43 -8.86
CA ARG A 124 -5.86 7.22 -9.69
C ARG A 124 -5.49 6.33 -10.87
N LEU A 125 -6.27 5.27 -11.09
CA LEU A 125 -6.03 4.39 -12.23
C LEU A 125 -6.67 4.89 -13.50
N ILE A 126 -7.83 5.56 -13.42
CA ILE A 126 -8.68 5.77 -14.58
C ILE A 126 -8.22 7.01 -15.34
N ASN A 127 -8.06 6.86 -16.65
CA ASN A 127 -7.65 7.97 -17.50
C ASN A 127 -8.73 9.06 -17.56
N THR A 128 -8.28 10.29 -17.70
CA THR A 128 -9.10 11.40 -18.16
C THR A 128 -8.44 11.99 -19.40
N GLU A 129 -9.01 13.06 -19.92
CA GLU A 129 -8.37 13.69 -21.07
C GLU A 129 -7.02 14.30 -20.73
N GLU A 130 -6.78 14.65 -19.46
CA GLU A 130 -5.55 15.29 -19.05
C GLU A 130 -4.69 14.44 -18.12
N TYR A 131 -5.16 13.28 -17.70
CA TYR A 131 -4.43 12.46 -16.73
C TYR A 131 -4.41 11.02 -17.23
N TYR A 132 -3.23 10.42 -17.27
CA TYR A 132 -3.05 9.06 -17.75
C TYR A 132 -2.68 8.15 -16.57
N GLY A 133 -3.66 7.36 -16.11
CA GLY A 133 -3.41 6.42 -15.05
C GLY A 133 -3.23 5.00 -15.54
N GLY A 134 -3.58 4.74 -16.80
CA GLY A 134 -3.37 3.47 -17.45
C GLY A 134 -4.63 2.70 -17.79
N PHE A 135 -5.80 3.10 -17.30
CA PHE A 135 -7.00 2.29 -17.39
C PHE A 135 -8.16 3.12 -17.91
N GLU A 136 -8.91 2.58 -18.87
CA GLU A 136 -10.08 3.25 -19.41
C GLU A 136 -11.29 2.97 -18.51
N GLN A 137 -12.09 4.02 -18.28
CA GLN A 137 -13.24 3.90 -17.39
C GLN A 137 -14.19 2.76 -17.79
N LYS A 138 -14.53 2.67 -19.08
CA LYS A 138 -15.56 1.72 -19.47
C LYS A 138 -15.08 0.28 -19.34
N VAL A 139 -13.80 0.01 -19.65
CA VAL A 139 -13.26 -1.33 -19.46
C VAL A 139 -13.22 -1.67 -17.99
N MET A 140 -12.86 -0.71 -17.13
CA MET A 140 -12.94 -0.95 -15.70
C MET A 140 -14.35 -1.25 -15.24
N ASP A 141 -15.33 -0.47 -15.71
CA ASP A 141 -16.72 -0.67 -15.34
C ASP A 141 -17.16 -2.10 -15.64
N GLU A 142 -16.87 -2.59 -16.83
CA GLU A 142 -17.37 -3.90 -17.20
C GLU A 142 -16.60 -5.02 -16.51
N THR A 143 -15.30 -4.82 -16.29
CA THR A 143 -14.52 -5.82 -15.56
C THR A 143 -14.98 -5.92 -14.12
N LEU A 144 -15.28 -4.79 -13.46
CA LEU A 144 -15.77 -4.87 -12.09
C LEU A 144 -17.19 -5.42 -12.02
N ARG A 145 -17.98 -5.21 -13.08
CA ARG A 145 -19.38 -5.64 -13.07
C ARG A 145 -19.49 -7.13 -12.84
N SER A 146 -18.61 -7.92 -13.44
CA SER A 146 -18.62 -9.37 -13.29
C SER A 146 -17.52 -9.87 -12.35
N LEU A 147 -17.04 -9.01 -11.46
CA LEU A 147 -15.94 -9.38 -10.58
C LEU A 147 -16.31 -10.52 -9.65
N ASP A 148 -17.54 -10.52 -9.10
CA ASP A 148 -17.89 -11.50 -8.09
C ASP A 148 -17.76 -12.92 -8.61
N GLU A 149 -18.34 -13.17 -9.78
CA GLU A 149 -18.32 -14.52 -10.34
C GLU A 149 -16.99 -14.87 -10.98
N ASN A 150 -16.11 -13.89 -11.22
CA ASN A 150 -14.83 -14.12 -11.88
C ASN A 150 -13.62 -13.82 -10.99
N PHE A 151 -13.81 -13.61 -9.69
CA PHE A 151 -12.70 -13.07 -8.90
C PHE A 151 -11.45 -13.95 -9.01
N LYS A 152 -11.62 -15.26 -8.86
CA LYS A 152 -10.44 -16.12 -8.88
C LYS A 152 -9.84 -16.23 -10.28
N SER A 153 -10.68 -16.41 -11.30
CA SER A 153 -10.15 -16.58 -12.65
CA SER A 153 -10.19 -16.56 -12.67
C SER A 153 -9.48 -15.31 -13.16
C SER A 153 -9.46 -15.31 -13.12
N LEU A 154 -10.06 -14.15 -12.87
CA LEU A 154 -9.42 -12.89 -13.26
C LEU A 154 -8.13 -12.68 -12.49
N SER A 155 -8.17 -12.90 -11.17
CA SER A 155 -6.98 -12.66 -10.34
C SER A 155 -5.84 -13.59 -10.71
N LEU A 156 -6.13 -14.89 -10.88
CA LEU A 156 -5.10 -15.81 -11.34
C LEU A 156 -4.58 -15.43 -12.72
N GLY A 157 -5.50 -14.99 -13.59
CA GLY A 157 -5.11 -14.66 -14.95
C GLY A 157 -4.18 -13.45 -15.04
N THR A 158 -4.37 -12.46 -14.18
CA THR A 158 -3.55 -11.25 -14.26
C THR A 158 -2.35 -11.25 -13.32
N ALA A 159 -2.37 -12.07 -12.26
CA ALA A 159 -1.32 -12.01 -11.26
C ALA A 159 0.09 -12.18 -11.82
N PRO A 160 0.37 -13.12 -12.74
CA PRO A 160 1.75 -13.22 -13.24
C PRO A 160 2.25 -11.95 -13.91
N LEU A 161 1.39 -11.25 -14.65
CA LEU A 161 1.82 -9.99 -15.25
C LEU A 161 1.88 -8.88 -14.19
N LEU A 162 0.91 -8.85 -13.27
CA LEU A 162 0.95 -7.88 -12.18
C LEU A 162 2.25 -7.96 -11.40
N LEU A 163 2.66 -9.18 -11.04
CA LEU A 163 3.86 -9.40 -10.24
C LEU A 163 5.12 -9.47 -11.07
N ALA A 164 4.99 -9.63 -12.39
CA ALA A 164 6.12 -9.93 -13.27
C ALA A 164 6.88 -11.17 -12.79
N CYS A 165 6.12 -12.25 -12.53
N CYS A 165 6.15 -12.24 -12.52
CA CYS A 165 6.64 -13.53 -12.04
CA CYS A 165 6.75 -13.51 -12.18
C CYS A 165 5.86 -14.66 -12.70
C CYS A 165 6.05 -14.60 -12.98
N ASP A 166 6.51 -15.83 -12.81
CA ASP A 166 5.89 -16.97 -13.46
C ASP A 166 4.76 -17.53 -12.59
N LEU A 167 3.77 -18.15 -13.27
CA LEU A 167 2.63 -18.75 -12.59
C LEU A 167 3.07 -19.69 -11.47
N GLU A 168 4.17 -20.41 -11.66
CA GLU A 168 4.61 -21.40 -10.70
C GLU A 168 5.69 -20.90 -9.75
N SER A 169 5.95 -19.59 -9.72
CA SER A 169 7.02 -19.06 -8.90
C SER A 169 6.59 -18.96 -7.44
N ALA A 170 7.58 -18.86 -6.56
CA ALA A 170 7.29 -18.71 -5.14
C ALA A 170 6.54 -17.41 -4.86
N ALA A 171 6.87 -16.34 -5.58
CA ALA A 171 6.18 -15.07 -5.36
C ALA A 171 4.70 -15.18 -5.73
N MET A 172 4.39 -15.82 -6.86
CA MET A 172 3.01 -15.99 -7.27
C MET A 172 2.24 -16.79 -6.23
N GLN A 173 2.82 -17.91 -5.80
CA GLN A 173 2.15 -18.76 -4.82
C GLN A 173 1.87 -17.99 -3.53
N GLU A 174 2.82 -17.17 -3.09
CA GLU A 174 2.68 -16.47 -1.83
C GLU A 174 1.62 -15.36 -1.94
N TYR A 175 1.64 -14.60 -3.04
CA TYR A 175 0.64 -13.56 -3.25
C TYR A 175 -0.76 -14.17 -3.32
N CYS A 176 -0.90 -15.26 -4.05
CA CYS A 176 -2.22 -15.86 -4.17
C CYS A 176 -2.68 -16.43 -2.84
N ARG A 177 -1.75 -16.94 -2.03
CA ARG A 177 -2.13 -17.47 -0.72
C ARG A 177 -2.85 -16.41 0.09
N THR A 178 -2.28 -15.20 0.20
CA THR A 178 -2.94 -14.17 1.00
C THR A 178 -4.12 -13.55 0.25
N LEU A 179 -4.04 -13.41 -1.07
CA LEU A 179 -5.14 -12.78 -1.81
C LEU A 179 -6.43 -13.57 -1.65
N PHE A 180 -6.34 -14.91 -1.76
CA PHE A 180 -7.52 -15.75 -1.65
C PHE A 180 -7.86 -16.11 -0.21
N ASN A 181 -7.05 -15.62 0.74
CA ASN A 181 -7.39 -15.68 2.16
C ASN A 181 -8.48 -14.69 2.56
N MET A 182 -8.65 -13.59 1.81
CA MET A 182 -9.81 -12.74 2.09
C MET A 182 -11.12 -13.45 1.81
N ARG A 183 -12.13 -13.09 2.60
CA ARG A 183 -13.46 -13.57 2.30
C ARG A 183 -13.89 -12.94 0.98
N PRO A 184 -14.52 -13.71 0.09
CA PRO A 184 -14.74 -13.21 -1.27
C PRO A 184 -15.49 -11.89 -1.35
N ASP A 185 -16.55 -11.71 -0.57
CA ASP A 185 -17.29 -10.45 -0.63
C ASP A 185 -16.44 -9.28 -0.17
N ILE A 186 -15.58 -9.50 0.83
CA ILE A 186 -14.69 -8.46 1.31
C ILE A 186 -13.65 -8.14 0.24
N ALA A 187 -13.08 -9.17 -0.39
CA ALA A 187 -12.13 -8.96 -1.47
C ALA A 187 -12.72 -8.11 -2.58
N CYS A 188 -13.97 -8.39 -2.96
CA CYS A 188 -14.59 -7.63 -4.04
C CYS A 188 -14.85 -6.19 -3.64
N CYS A 189 -15.25 -5.97 -2.38
CA CYS A 189 -15.46 -4.60 -1.91
C CYS A 189 -14.17 -3.79 -1.96
N ILE A 190 -13.08 -4.36 -1.43
CA ILE A 190 -11.81 -3.63 -1.42
C ILE A 190 -11.35 -3.37 -2.85
N THR A 191 -11.48 -4.38 -3.73
CA THR A 191 -11.06 -4.22 -5.12
C THR A 191 -11.81 -3.09 -5.80
N ARG A 192 -13.15 -3.07 -5.66
CA ARG A 192 -13.94 -2.01 -6.26
C ARG A 192 -13.54 -0.64 -5.70
N MET A 193 -13.28 -0.57 -4.40
CA MET A 193 -12.95 0.71 -3.80
C MET A 193 -11.62 1.25 -4.36
N ILE A 194 -10.59 0.41 -4.39
CA ILE A 194 -9.29 0.92 -4.82
C ILE A 194 -9.27 1.23 -6.30
N CYS A 195 -9.99 0.45 -7.11
CA CYS A 195 -10.04 0.75 -8.54
C CYS A 195 -10.75 2.07 -8.82
N GLY A 196 -11.63 2.50 -7.92
CA GLY A 196 -12.39 3.72 -8.12
C GLY A 196 -11.79 4.97 -7.51
N LEU A 197 -10.59 4.89 -6.95
CA LEU A 197 -10.03 6.00 -6.20
C LEU A 197 -9.62 7.16 -7.10
N ASP A 198 -9.76 8.38 -6.58
CA ASP A 198 -9.19 9.57 -7.20
C ASP A 198 -8.64 10.43 -6.06
N LEU A 199 -7.36 10.27 -5.77
CA LEU A 199 -6.72 11.04 -4.71
C LEU A 199 -6.00 12.27 -5.22
N ARG A 200 -6.11 12.57 -6.52
CA ARG A 200 -5.47 13.77 -7.06
C ARG A 200 -5.81 15.04 -6.30
N PRO A 201 -7.05 15.29 -5.87
CA PRO A 201 -7.35 16.54 -5.15
C PRO A 201 -6.71 16.64 -3.78
N TYR A 202 -6.25 15.53 -3.20
CA TYR A 202 -5.63 15.52 -1.88
CA TYR A 202 -5.63 15.53 -1.87
C TYR A 202 -4.15 15.87 -1.92
N LEU A 203 -3.49 15.69 -3.07
CA LEU A 203 -2.01 15.69 -3.09
C LEU A 203 -1.42 17.01 -2.61
N GLY A 204 -2.00 18.14 -3.00
CA GLY A 204 -1.46 19.43 -2.58
C GLY A 204 -1.53 19.67 -1.08
N HIS A 205 -2.42 18.98 -0.37
CA HIS A 205 -2.52 19.06 1.08
C HIS A 205 -1.56 18.14 1.81
N VAL A 206 -0.94 17.19 1.11
CA VAL A 206 0.09 16.35 1.72
C VAL A 206 1.36 17.19 1.83
N THR A 207 1.82 17.41 3.07
CA THR A 207 3.01 18.23 3.30
C THR A 207 4.20 17.44 3.83
N VAL A 208 4.00 16.24 4.37
N VAL A 208 3.98 16.24 4.32
CA VAL A 208 5.14 15.50 4.88
CA VAL A 208 5.05 15.38 4.85
C VAL A 208 5.97 15.01 3.70
C VAL A 208 5.95 14.95 3.68
N PRO A 209 7.27 14.86 3.87
CA PRO A 209 8.13 14.39 2.77
C PRO A 209 7.75 13.00 2.30
N CYS A 210 7.75 12.81 0.98
CA CYS A 210 7.36 11.55 0.35
C CYS A 210 8.48 11.01 -0.51
N HIS A 211 8.85 9.74 -0.26
CA HIS A 211 9.84 9.02 -1.06
C HIS A 211 9.06 8.01 -1.89
N ILE A 212 9.09 8.19 -3.21
CA ILE A 212 8.28 7.38 -4.13
C ILE A 212 9.21 6.38 -4.81
N ILE A 213 8.96 5.08 -4.61
CA ILE A 213 9.80 4.01 -5.13
C ILE A 213 8.96 3.23 -6.14
N GLN A 214 9.44 3.14 -7.39
CA GLN A 214 8.68 2.57 -8.49
C GLN A 214 9.49 1.50 -9.19
N SER A 215 8.81 0.46 -9.70
CA SER A 215 9.43 -0.41 -10.70
C SER A 215 9.49 0.29 -12.04
N SER A 216 10.54 -0.03 -12.79
CA SER A 216 10.64 0.50 -14.14
C SER A 216 9.48 0.04 -15.02
N ASN A 217 8.94 -1.15 -14.75
CA ASN A 217 7.83 -1.70 -15.51
C ASN A 217 6.79 -2.21 -14.51
N ASP A 218 5.69 -1.48 -14.38
CA ASP A 218 4.60 -1.81 -13.45
C ASP A 218 3.30 -1.58 -14.21
N ILE A 219 2.54 -2.65 -14.47
CA ILE A 219 1.32 -2.52 -15.26
C ILE A 219 0.26 -1.68 -14.55
N MET A 220 0.36 -1.52 -13.22
CA MET A 220 -0.56 -0.63 -12.51
C MET A 220 -0.16 0.81 -12.47
N VAL A 221 1.10 1.14 -12.73
CA VAL A 221 1.62 2.49 -12.47
C VAL A 221 2.53 2.91 -13.62
N PRO A 222 2.05 3.71 -14.56
CA PRO A 222 2.95 4.29 -15.54
C PRO A 222 4.04 5.11 -14.86
N VAL A 223 5.25 5.12 -15.45
CA VAL A 223 6.33 5.93 -14.88
C VAL A 223 5.92 7.40 -14.78
N ALA A 224 5.05 7.87 -15.69
CA ALA A 224 4.57 9.25 -15.64
C ALA A 224 3.78 9.55 -14.36
N VAL A 225 3.20 8.53 -13.73
CA VAL A 225 2.47 8.76 -12.47
C VAL A 225 3.43 9.18 -11.35
N GLY A 226 4.63 8.60 -11.30
CA GLY A 226 5.58 9.03 -10.30
C GLY A 226 5.95 10.50 -10.46
N GLU A 227 6.12 10.95 -11.70
CA GLU A 227 6.42 12.35 -11.94
C GLU A 227 5.22 13.23 -11.59
N TYR A 228 4.00 12.75 -11.88
CA TYR A 228 2.80 13.48 -11.49
C TYR A 228 2.74 13.67 -9.99
N LEU A 229 3.05 12.62 -9.22
CA LEU A 229 3.06 12.75 -7.76
C LEU A 229 4.08 13.78 -7.31
N ARG A 230 5.30 13.73 -7.87
CA ARG A 230 6.33 14.67 -7.49
C ARG A 230 5.87 16.11 -7.70
N LYS A 231 5.23 16.38 -8.84
CA LYS A 231 4.84 17.75 -9.17
C LYS A 231 3.64 18.22 -8.36
N ASN A 232 2.80 17.32 -7.88
CA ASN A 232 1.53 17.72 -7.26
C ASN A 232 1.48 17.56 -5.75
N LEU A 233 2.39 16.80 -5.15
CA LEU A 233 2.46 16.75 -3.70
C LEU A 233 2.83 18.13 -3.14
N GLY A 234 2.33 18.41 -1.93
CA GLY A 234 2.49 19.71 -1.34
C GLY A 234 3.75 19.92 -0.54
N GLY A 235 4.50 18.86 -0.28
CA GLY A 235 5.74 18.94 0.45
C GLY A 235 6.91 18.41 -0.36
N PRO A 236 8.03 18.15 0.30
CA PRO A 236 9.20 17.60 -0.39
C PRO A 236 8.91 16.22 -0.93
N SER A 237 9.62 15.86 -2.00
CA SER A 237 9.46 14.53 -2.57
C SER A 237 10.70 14.14 -3.36
N VAL A 238 10.88 12.83 -3.49
CA VAL A 238 11.90 12.25 -4.37
C VAL A 238 11.30 10.99 -4.98
N VAL A 239 11.63 10.73 -6.24
CA VAL A 239 11.17 9.56 -6.98
C VAL A 239 12.38 8.74 -7.40
N GLU A 240 12.36 7.45 -7.11
CA GLU A 240 13.39 6.51 -7.57
C GLU A 240 12.73 5.43 -8.40
N VAL A 241 13.19 5.28 -9.64
CA VAL A 241 12.75 4.21 -10.53
C VAL A 241 13.84 3.14 -10.54
N MET A 242 13.49 1.95 -10.09
CA MET A 242 14.40 0.86 -9.80
C MET A 242 14.47 -0.03 -11.04
N PRO A 243 15.57 -0.77 -11.24
CA PRO A 243 15.63 -1.77 -12.32
C PRO A 243 14.91 -3.06 -11.94
N THR A 244 13.61 -2.94 -11.66
CA THR A 244 12.75 -4.06 -11.30
C THR A 244 11.55 -4.05 -12.24
N GLU A 245 10.84 -5.16 -12.25
CA GLU A 245 9.55 -5.25 -12.92
C GLU A 245 8.55 -5.80 -11.93
N GLY A 246 7.31 -5.38 -12.08
CA GLY A 246 6.26 -5.90 -11.21
C GLY A 246 5.77 -4.85 -10.23
N HIS A 247 4.51 -5.02 -9.80
CA HIS A 247 3.87 -4.06 -8.90
C HIS A 247 4.27 -4.25 -7.44
N LEU A 248 4.78 -5.43 -7.08
CA LEU A 248 5.22 -5.72 -5.72
C LEU A 248 6.70 -6.06 -5.73
N PRO A 249 7.58 -5.13 -6.10
CA PRO A 249 9.00 -5.48 -6.26
C PRO A 249 9.66 -5.90 -4.95
N HIS A 250 9.13 -5.46 -3.81
CA HIS A 250 9.65 -5.91 -2.52
C HIS A 250 9.44 -7.41 -2.32
N LEU A 251 8.39 -7.98 -2.92
CA LEU A 251 8.11 -9.40 -2.83
C LEU A 251 8.86 -10.19 -3.89
N SER A 252 8.84 -9.72 -5.13
CA SER A 252 9.38 -10.50 -6.25
C SER A 252 10.86 -10.26 -6.50
N MET A 253 11.38 -9.08 -6.17
CA MET A 253 12.79 -8.73 -6.38
C MET A 253 13.38 -8.07 -5.13
N PRO A 254 13.38 -8.78 -4.00
CA PRO A 254 13.88 -8.17 -2.77
C PRO A 254 15.36 -7.83 -2.81
N GLU A 255 16.15 -8.54 -3.61
CA GLU A 255 17.58 -8.29 -3.65
C GLU A 255 17.88 -6.87 -4.16
N VAL A 256 17.04 -6.35 -5.04
CA VAL A 256 17.16 -4.95 -5.46
C VAL A 256 16.38 -4.03 -4.53
N THR A 257 15.15 -4.43 -4.20
CA THR A 257 14.19 -3.50 -3.60
C THR A 257 14.50 -3.22 -2.14
N ILE A 258 14.92 -4.22 -1.37
N ILE A 258 14.90 -4.23 -1.37
CA ILE A 258 15.15 -4.00 0.06
CA ILE A 258 15.15 -4.00 0.06
C ILE A 258 16.24 -2.98 0.33
C ILE A 258 16.23 -2.94 0.29
N PRO A 259 17.39 -3.00 -0.37
CA PRO A 259 18.37 -1.90 -0.18
C PRO A 259 17.81 -0.54 -0.55
N VAL A 260 16.96 -0.46 -1.57
CA VAL A 260 16.37 0.81 -1.95
C VAL A 260 15.45 1.33 -0.84
N VAL A 261 14.56 0.48 -0.35
CA VAL A 261 13.67 0.88 0.74
C VAL A 261 14.48 1.34 1.94
N LEU A 262 15.53 0.59 2.29
CA LEU A 262 16.34 0.96 3.45
C LEU A 262 16.98 2.34 3.29
N ARG A 263 17.47 2.66 2.08
CA ARG A 263 18.08 3.96 1.86
C ARG A 263 17.07 5.09 2.08
N HIS A 264 15.84 4.91 1.58
CA HIS A 264 14.84 5.96 1.75
C HIS A 264 14.32 6.06 3.18
N ILE A 265 14.32 4.95 3.93
CA ILE A 265 14.03 5.02 5.36
C ILE A 265 15.12 5.83 6.06
N ARG A 266 16.38 5.51 5.77
CA ARG A 266 17.50 6.02 6.55
C ARG A 266 17.91 7.45 6.19
N GLN A 267 17.63 7.89 4.97
CA GLN A 267 18.15 9.16 4.47
C GLN A 267 16.97 10.10 4.22
N ASP A 268 16.99 11.27 4.85
CA ASP A 268 15.90 12.20 4.67
C ASP A 268 16.19 13.05 3.44
N ILE A 269 15.13 13.59 2.84
CA ILE A 269 15.28 14.53 1.75
C ILE A 269 15.92 15.79 2.29
N THR A 270 16.99 16.25 1.63
CA THR A 270 17.78 17.36 2.17
C THR A 270 17.18 18.70 1.76
#